data_4LPG
#
_entry.id   4LPG
#
_cell.length_a   110.870
_cell.length_b   110.870
_cell.length_c   77.030
_cell.angle_alpha   90.00
_cell.angle_beta   90.00
_cell.angle_gamma   90.00
#
_symmetry.space_group_name_H-M   'P 41 21 2'
#
loop_
_entity.id
_entity.type
_entity.pdbx_description
1 polymer 'Farnesyl pyrophosphate synthase'
2 non-polymer 'PHOSPHATE ION'
3 non-polymer '({[6-(4-methylphenyl)thieno[2,3-d]pyrimidin-4-yl]amino}methanediyl)bis(phosphonic acid)'
4 water water
#
_entity_poly.entity_id   1
_entity_poly.type   'polypeptide(L)'
_entity_poly.pdbx_seq_one_letter_code
;MGSSHHHHHHSSGRENLYFQGHMNGDQNSDVYAQEKQDFVQHFSQIVRVLTEDEMGHPEIGDAIARLKEVLEYNAIGGKY
NRGLTVVVAFRELVEPRKQDADSLQRAWTVGWCVELLQAFFLVADDIMDSSLTRRGQICWYQKPGVGLDAINDANLLEAC
IYRLLKLYCREQPYYLNLIELFLQSSYQTEIGQTLDLLTAPQGNVDLVRFTEKRYKSIVKYKTAFYSFYLPIAAAMYMAG
IDGEKEHANAKKILLEMGEFFQIQDDYLDLFGDPSVTGKIGTDIQDNKCSWLVVQCLQRATPEQYQILKENYGQKEAEKV
ARVKALYEELDLPAVFLQYEEDSYSHIMALIEQYAAPLPPAVFLGLARKIYKRRK
;
_entity_poly.pdbx_strand_id   F
#
loop_
_chem_comp.id
_chem_comp.type
_chem_comp.name
_chem_comp.formula
1MV non-polymer '({[6-(4-methylphenyl)thieno[2,3-d]pyrimidin-4-yl]amino}methanediyl)bis(phosphonic acid)' 'C14 H15 N3 O6 P2 S'
PO4 non-polymer 'PHOSPHATE ION' 'O4 P -3'
#
# COMPACT_ATOMS: atom_id res chain seq x y z
N ASP A 30 4.94 19.44 6.00
CA ASP A 30 4.01 18.29 6.18
C ASP A 30 3.60 18.11 7.66
N VAL A 31 2.29 17.94 7.88
CA VAL A 31 1.76 17.48 9.20
C VAL A 31 2.35 16.09 9.55
N TYR A 32 2.92 15.46 8.51
CA TYR A 32 3.65 14.18 8.59
C TYR A 32 5.08 14.29 9.16
N ALA A 33 5.90 15.23 8.67
CA ALA A 33 7.26 15.46 9.22
C ALA A 33 7.27 15.93 10.70
N GLN A 34 6.16 16.55 11.15
CA GLN A 34 5.90 16.82 12.57
C GLN A 34 5.80 15.53 13.45
N GLU A 35 4.94 14.57 13.08
CA GLU A 35 4.74 13.36 13.91
C GLU A 35 5.79 12.27 13.64
N LYS A 36 6.58 12.42 12.57
CA LYS A 36 7.48 11.35 12.12
C LYS A 36 8.47 10.80 13.16
N GLN A 37 9.32 11.66 13.71
CA GLN A 37 10.31 11.26 14.70
C GLN A 37 9.69 10.49 15.86
N ASP A 38 8.57 11.01 16.38
CA ASP A 38 7.80 10.34 17.44
C ASP A 38 7.30 8.93 17.01
N PHE A 39 7.04 8.76 15.70
CA PHE A 39 6.52 7.49 15.16
C PHE A 39 7.70 6.53 15.00
N VAL A 40 8.75 6.95 14.32
CA VAL A 40 9.93 6.09 14.21
C VAL A 40 10.55 5.74 15.59
N GLN A 41 10.51 6.64 16.56
CA GLN A 41 11.09 6.34 17.86
C GLN A 41 10.28 5.29 18.63
N HIS A 42 8.98 5.23 18.35
CA HIS A 42 8.10 4.32 19.08
C HIS A 42 8.37 2.88 18.63
N PHE A 43 9.03 2.74 17.47
CA PHE A 43 9.33 1.44 16.95
C PHE A 43 10.16 0.67 17.95
N SER A 44 11.05 1.33 18.66
CA SER A 44 11.89 0.63 19.65
C SER A 44 11.07 -0.02 20.73
N GLN A 45 9.97 0.63 21.09
CA GLN A 45 9.08 0.11 22.08
C GLN A 45 8.31 -1.09 21.51
N ILE A 46 7.73 -0.94 20.33
CA ILE A 46 7.04 -2.04 19.58
C ILE A 46 7.92 -3.29 19.66
N VAL A 47 9.15 -3.15 19.20
CA VAL A 47 10.09 -4.26 19.26
C VAL A 47 10.37 -4.81 20.65
N ARG A 48 10.65 -3.97 21.62
CA ARG A 48 10.88 -4.41 23.00
C ARG A 48 9.67 -5.26 23.44
N VAL A 49 8.48 -4.75 23.21
CA VAL A 49 7.31 -5.43 23.74
C VAL A 49 7.01 -6.76 23.01
N LEU A 50 7.31 -6.86 21.72
CA LEU A 50 7.16 -8.11 20.99
C LEU A 50 8.24 -9.13 21.31
N THR A 51 9.32 -8.70 21.98
CA THR A 51 10.42 -9.59 22.37
C THR A 51 10.45 -9.91 23.89
N GLU A 52 9.63 -9.20 24.69
CA GLU A 52 9.76 -9.18 26.15
C GLU A 52 8.39 -9.08 26.82
N GLU A 54 7.30 -12.58 25.99
CA GLU A 54 8.07 -13.80 25.80
C GLU A 54 9.47 -13.82 26.51
N MET A 55 9.59 -13.05 27.60
CA MET A 55 10.76 -13.07 28.49
C MET A 55 10.58 -14.17 29.55
N GLY A 56 9.33 -14.50 29.87
CA GLY A 56 9.00 -15.61 30.76
C GLY A 56 9.25 -16.99 30.16
N HIS A 57 9.36 -17.05 28.83
CA HIS A 57 9.61 -18.30 28.09
C HIS A 57 10.99 -18.30 27.40
N PRO A 58 12.05 -18.78 28.10
CA PRO A 58 13.44 -18.78 27.55
C PRO A 58 13.68 -19.77 26.40
N GLU A 59 12.97 -20.91 26.48
CA GLU A 59 12.90 -21.95 25.46
C GLU A 59 12.84 -21.38 24.02
N ILE A 60 11.95 -20.40 23.78
CA ILE A 60 11.77 -19.82 22.48
C ILE A 60 12.71 -18.64 22.17
N GLY A 61 13.77 -18.44 22.98
CA GLY A 61 14.64 -17.27 22.84
C GLY A 61 15.15 -17.05 21.43
N ASP A 62 15.67 -18.11 20.82
CA ASP A 62 16.20 -18.07 19.44
C ASP A 62 15.16 -17.63 18.34
N ALA A 63 13.93 -18.11 18.47
CA ALA A 63 12.87 -17.66 17.61
C ALA A 63 12.61 -16.19 17.76
N ILE A 64 12.53 -15.74 19.01
CA ILE A 64 12.26 -14.35 19.30
C ILE A 64 13.33 -13.40 18.76
N ALA A 65 14.60 -13.78 18.88
CA ALA A 65 15.71 -13.04 18.22
C ALA A 65 15.51 -13.06 16.68
N ARG A 66 15.13 -14.17 16.09
CA ARG A 66 14.89 -14.16 14.66
C ARG A 66 13.76 -13.16 14.35
N LEU A 67 12.72 -13.18 15.16
CA LEU A 67 11.60 -12.25 14.98
C LEU A 67 12.03 -10.79 15.06
N LYS A 68 12.94 -10.49 15.97
CA LYS A 68 13.51 -9.17 16.06
C LYS A 68 14.20 -8.75 14.74
N GLU A 69 15.04 -9.63 14.21
CA GLU A 69 15.76 -9.39 12.98
C GLU A 69 14.77 -9.19 11.82
N VAL A 70 13.70 -9.97 11.77
CA VAL A 70 12.72 -9.87 10.69
C VAL A 70 12.02 -8.49 10.75
N LEU A 71 11.65 -8.05 11.94
CA LEU A 71 10.99 -6.77 12.16
C LEU A 71 11.85 -5.61 11.68
N GLU A 72 13.09 -5.62 12.11
CA GLU A 72 14.03 -4.55 11.84
C GLU A 72 14.47 -4.47 10.41
N TYR A 73 14.59 -5.61 9.74
CA TYR A 73 14.97 -5.58 8.35
C TYR A 73 13.77 -5.08 7.47
N ASN A 74 12.58 -5.57 7.74
CA ASN A 74 11.44 -5.39 6.84
C ASN A 74 10.45 -4.32 7.19
N ALA A 75 10.39 -3.86 8.43
CA ALA A 75 9.42 -2.86 8.77
C ALA A 75 10.04 -1.45 8.83
N ILE A 76 11.36 -1.36 8.75
CA ILE A 76 12.05 -0.11 8.75
C ILE A 76 12.61 0.14 7.38
N GLY A 77 12.64 1.40 6.96
CA GLY A 77 13.35 1.78 5.74
C GLY A 77 12.55 2.64 4.77
N GLY A 78 11.21 2.64 4.90
CA GLY A 78 10.35 3.35 3.93
C GLY A 78 10.01 4.69 4.54
N LYS A 79 9.00 5.39 4.02
CA LYS A 79 8.56 6.67 4.55
C LYS A 79 7.44 6.59 5.60
N TYR A 80 6.86 5.44 5.82
CA TYR A 80 5.80 5.29 6.83
C TYR A 80 4.56 6.10 6.49
N ASN A 81 4.28 6.33 5.22
CA ASN A 81 3.11 7.11 4.94
C ASN A 81 1.79 6.54 5.46
N ARG A 82 1.62 5.24 5.37
CA ARG A 82 0.36 4.63 5.73
C ARG A 82 0.17 4.69 7.23
N GLY A 83 1.23 4.40 7.98
CA GLY A 83 1.14 4.34 9.44
C GLY A 83 1.02 5.72 10.05
N LEU A 84 1.73 6.65 9.46
CA LEU A 84 1.66 8.03 9.91
C LEU A 84 0.26 8.58 9.72
N THR A 85 -0.40 8.13 8.67
CA THR A 85 -1.74 8.60 8.39
C THR A 85 -2.65 8.27 9.53
N VAL A 86 -2.41 7.12 10.17
CA VAL A 86 -3.21 6.73 11.33
C VAL A 86 -3.10 7.77 12.39
N VAL A 87 -1.90 8.28 12.57
CA VAL A 87 -1.63 9.18 13.66
C VAL A 87 -2.17 10.57 13.38
N VAL A 88 -1.89 11.07 12.19
CA VAL A 88 -2.37 12.38 11.78
C VAL A 88 -3.88 12.39 11.86
N ALA A 89 -4.52 11.38 11.30
CA ALA A 89 -5.98 11.35 11.29
C ALA A 89 -6.52 11.25 12.72
N PHE A 90 -5.81 10.54 13.58
CA PHE A 90 -6.24 10.45 14.93
C PHE A 90 -6.18 11.83 15.65
N ARG A 91 -5.16 12.64 15.39
CA ARG A 91 -5.10 14.02 15.91
C ARG A 91 -6.31 14.81 15.46
N GLU A 92 -6.64 14.71 14.18
CA GLU A 92 -7.68 15.52 13.59
C GLU A 92 -9.10 15.12 14.00
N LEU A 93 -9.27 13.94 14.56
CA LEU A 93 -10.60 13.37 14.75
C LEU A 93 -11.06 13.32 16.19
N VAL A 94 -10.11 13.24 17.09
CA VAL A 94 -10.37 13.13 18.50
C VAL A 94 -10.27 14.48 19.18
N GLU A 95 -11.33 14.85 19.90
CA GLU A 95 -11.29 16.05 20.76
C GLU A 95 -9.92 16.08 21.49
N PRO A 96 -9.14 17.18 21.34
CA PRO A 96 -7.74 17.18 21.84
C PRO A 96 -7.60 16.90 23.34
N ARG A 97 -8.69 17.05 24.10
CA ARG A 97 -8.70 16.75 25.52
C ARG A 97 -8.65 15.23 25.76
N LYS A 98 -9.01 14.43 24.76
CA LYS A 98 -8.91 12.96 24.87
C LYS A 98 -7.58 12.42 24.29
N GLN A 99 -6.63 13.31 24.01
CA GLN A 99 -5.29 12.89 23.58
C GLN A 99 -4.31 12.90 24.80
N ASP A 100 -4.71 12.11 25.83
CA ASP A 100 -3.82 11.64 26.92
C ASP A 100 -2.67 10.72 26.40
N ALA A 101 -1.50 10.78 27.04
CA ALA A 101 -0.28 10.08 26.58
C ALA A 101 -0.48 8.63 26.12
N ASP A 102 -1.44 7.94 26.75
CA ASP A 102 -1.76 6.56 26.40
C ASP A 102 -2.60 6.42 25.14
N SER A 103 -3.41 7.41 24.80
CA SER A 103 -4.18 7.38 23.58
C SER A 103 -3.25 7.42 22.37
N LEU A 104 -2.28 8.32 22.44
CA LEU A 104 -1.23 8.44 21.43
C LEU A 104 -0.24 7.28 21.34
N GLN A 105 0.13 6.69 22.48
CA GLN A 105 0.79 5.38 22.51
C GLN A 105 0.02 4.41 21.61
N ARG A 106 -1.28 4.37 21.81
CA ARG A 106 -2.11 3.48 21.04
C ARG A 106 -2.19 3.86 19.58
N ALA A 107 -2.36 5.15 19.25
CA ALA A 107 -2.30 5.58 17.85
C ALA A 107 -0.95 5.24 17.23
N TRP A 108 0.17 5.49 17.90
CA TRP A 108 1.49 5.10 17.32
C TRP A 108 1.53 3.57 17.05
N THR A 109 1.02 2.81 18.01
CA THR A 109 1.03 1.36 17.85
C THR A 109 0.20 0.92 16.67
N VAL A 110 -1.01 1.47 16.57
CA VAL A 110 -1.86 1.06 15.45
C VAL A 110 -1.28 1.48 14.09
N GLY A 111 -0.68 2.67 14.03
CA GLY A 111 0.11 3.04 12.85
C GLY A 111 1.20 2.00 12.56
N TRP A 112 1.94 1.59 13.56
CA TRP A 112 2.89 0.54 13.33
C TRP A 112 2.25 -0.76 12.88
N CYS A 113 1.02 -1.01 13.31
CA CYS A 113 0.30 -2.23 12.85
C CYS A 113 0.08 -2.19 11.33
N VAL A 114 -0.26 -1.02 10.81
CA VAL A 114 -0.48 -0.86 9.39
C VAL A 114 0.83 -1.08 8.64
N GLU A 115 1.92 -0.58 9.19
CA GLU A 115 3.22 -0.82 8.56
C GLU A 115 3.61 -2.27 8.61
N LEU A 116 3.32 -2.97 9.70
CA LEU A 116 3.62 -4.42 9.74
C LEU A 116 2.76 -5.22 8.75
N LEU A 117 1.52 -4.84 8.60
CA LEU A 117 0.68 -5.51 7.61
C LEU A 117 1.31 -5.35 6.24
N GLN A 118 1.72 -4.12 5.96
CA GLN A 118 2.40 -3.85 4.73
C GLN A 118 3.66 -4.72 4.57
N ALA A 119 4.49 -4.80 5.61
CA ALA A 119 5.71 -5.60 5.55
C ALA A 119 5.45 -7.09 5.33
N PHE A 120 4.42 -7.65 5.93
CA PHE A 120 3.93 -8.98 5.60
C PHE A 120 3.64 -9.08 4.09
N PHE A 121 2.83 -8.20 3.55
CA PHE A 121 2.50 -8.31 2.10
C PHE A 121 3.71 -8.28 1.23
N LEU A 122 4.67 -7.42 1.55
CA LEU A 122 5.76 -7.17 0.65
C LEU A 122 6.81 -8.23 0.70
N VAL A 123 7.10 -8.75 1.89
CA VAL A 123 8.00 -9.89 2.01
C VAL A 123 7.47 -11.05 1.19
N ALA A 124 6.20 -11.32 1.29
CA ALA A 124 5.60 -12.43 0.60
C ALA A 124 5.47 -12.17 -0.91
N ASP A 125 5.13 -10.96 -1.31
CA ASP A 125 5.08 -10.60 -2.75
C ASP A 125 6.44 -10.69 -3.52
N ASP A 126 7.49 -10.28 -2.83
CA ASP A 126 8.82 -10.34 -3.35
C ASP A 126 9.21 -11.74 -3.62
N ILE A 127 8.80 -12.66 -2.75
CA ILE A 127 9.09 -14.08 -3.04
C ILE A 127 8.25 -14.46 -4.23
N MET A 128 6.95 -14.20 -4.19
CA MET A 128 6.13 -14.58 -5.37
C MET A 128 6.56 -13.99 -6.74
N ASP A 129 7.17 -12.82 -6.76
CA ASP A 129 7.64 -12.13 -7.97
C ASP A 129 9.02 -12.49 -8.29
N SER A 130 9.73 -13.19 -7.40
CA SER A 130 11.18 -13.34 -7.59
C SER A 130 11.84 -11.96 -7.74
N SER A 131 11.45 -10.99 -6.95
CA SER A 131 12.19 -9.77 -6.95
C SER A 131 13.59 -9.94 -6.35
N LEU A 132 14.46 -9.01 -6.73
CA LEU A 132 15.83 -8.93 -6.21
C LEU A 132 15.98 -7.95 -5.06
N THR A 133 15.56 -6.73 -5.29
CA THR A 133 15.66 -5.69 -4.27
C THR A 133 14.30 -5.02 -3.99
N ARG A 134 14.26 -4.30 -2.89
CA ARG A 134 13.10 -3.57 -2.44
C ARG A 134 13.73 -2.35 -1.77
N ARG A 135 13.45 -1.18 -2.33
CA ARG A 135 14.07 0.08 -1.87
C ARG A 135 15.59 0.02 -2.04
N GLY A 136 16.04 -0.37 -3.22
CA GLY A 136 17.46 -0.62 -3.45
C GLY A 136 18.18 -1.53 -2.45
N GLN A 137 17.44 -2.27 -1.62
CA GLN A 137 18.05 -3.17 -0.66
C GLN A 137 17.65 -4.59 -1.02
N ILE A 138 18.48 -5.54 -0.64
CA ILE A 138 18.28 -6.93 -1.01
C ILE A 138 17.00 -7.40 -0.33
N CYS A 139 16.04 -7.96 -1.11
CA CYS A 139 14.86 -8.55 -0.50
C CYS A 139 15.22 -9.59 0.55
N TRP A 140 14.47 -9.60 1.63
CA TRP A 140 14.69 -10.47 2.79
C TRP A 140 14.87 -11.96 2.32
N TYR A 141 14.02 -12.47 1.43
CA TYR A 141 14.13 -13.86 1.06
C TYR A 141 15.40 -14.18 0.31
N GLN A 142 16.03 -13.18 -0.30
CA GLN A 142 17.35 -13.36 -1.01
C GLN A 142 18.56 -13.25 -0.10
N LYS A 143 18.39 -12.84 1.16
CA LYS A 143 19.56 -12.83 2.04
C LYS A 143 20.08 -14.26 2.26
N PRO A 144 21.40 -14.44 2.31
CA PRO A 144 22.00 -15.74 2.60
C PRO A 144 21.41 -16.39 3.85
N GLY A 145 20.91 -17.61 3.71
CA GLY A 145 20.37 -18.31 4.89
C GLY A 145 18.90 -18.09 5.19
N VAL A 146 18.18 -17.26 4.44
CA VAL A 146 16.75 -16.99 4.65
C VAL A 146 15.95 -17.79 3.63
N GLY A 147 16.05 -17.46 2.35
CA GLY A 147 15.34 -18.21 1.32
C GLY A 147 13.86 -18.27 1.67
N LEU A 148 13.26 -19.43 1.42
CA LEU A 148 11.85 -19.67 1.59
C LEU A 148 11.38 -19.68 3.06
N ASP A 149 12.30 -19.73 3.99
CA ASP A 149 11.93 -19.50 5.38
C ASP A 149 11.25 -18.15 5.53
N ALA A 150 11.53 -17.23 4.60
CA ALA A 150 10.83 -15.92 4.62
C ALA A 150 9.32 -16.03 4.63
N ILE A 151 8.79 -17.15 4.19
CA ILE A 151 7.34 -17.33 4.24
C ILE A 151 6.85 -17.38 5.68
N ASN A 152 7.49 -18.15 6.55
CA ASN A 152 7.14 -18.11 7.93
C ASN A 152 7.37 -16.71 8.55
N ASP A 153 8.51 -16.07 8.24
CA ASP A 153 8.79 -14.73 8.70
C ASP A 153 7.72 -13.75 8.32
N ALA A 154 7.24 -13.82 7.08
CA ALA A 154 6.16 -12.95 6.68
C ALA A 154 4.93 -13.19 7.55
N ASN A 155 4.57 -14.44 7.78
CA ASN A 155 3.39 -14.72 8.58
C ASN A 155 3.61 -14.25 9.97
N LEU A 156 4.83 -14.32 10.51
CA LEU A 156 5.09 -13.76 11.84
C LEU A 156 4.83 -12.23 11.86
N LEU A 157 5.17 -11.52 10.78
CA LEU A 157 4.90 -10.06 10.73
C LEU A 157 3.42 -9.80 10.89
N GLU A 158 2.65 -10.64 10.28
CA GLU A 158 1.20 -10.47 10.29
C GLU A 158 0.68 -10.78 11.69
N ALA A 159 1.16 -11.86 12.27
CA ALA A 159 0.76 -12.19 13.60
C ALA A 159 1.08 -11.08 14.65
N CYS A 160 2.19 -10.37 14.49
CA CYS A 160 2.61 -9.31 15.41
C CYS A 160 1.54 -8.24 15.51
N ILE A 161 0.78 -8.05 14.45
CA ILE A 161 -0.27 -7.05 14.44
C ILE A 161 -1.24 -7.34 15.57
N TYR A 162 -1.66 -8.60 15.73
CA TYR A 162 -2.77 -8.90 16.65
C TYR A 162 -2.23 -9.01 18.04
N ARG A 163 -0.97 -9.36 18.16
CA ARG A 163 -0.30 -9.30 19.48
C ARG A 163 -0.23 -7.84 19.98
N LEU A 164 0.19 -6.91 19.12
CA LEU A 164 0.18 -5.49 19.52
C LEU A 164 -1.21 -4.99 19.82
N LEU A 165 -2.19 -5.31 19.00
CA LEU A 165 -3.56 -4.85 19.27
C LEU A 165 -4.04 -5.35 20.62
N LYS A 166 -3.73 -6.59 20.92
CA LYS A 166 -4.11 -7.11 22.22
C LYS A 166 -3.39 -6.41 23.35
N LEU A 167 -2.06 -6.34 23.25
CA LEU A 167 -1.21 -5.72 24.29
C LEU A 167 -1.58 -4.28 24.57
N TYR A 168 -1.98 -3.52 23.54
CA TYR A 168 -2.22 -2.09 23.71
C TYR A 168 -3.68 -1.70 23.76
N CYS A 169 -4.57 -2.48 23.16
CA CYS A 169 -5.93 -2.02 22.88
C CYS A 169 -7.01 -2.96 23.40
N ARG A 170 -6.60 -4.03 24.07
CA ARG A 170 -7.52 -5.03 24.61
C ARG A 170 -8.72 -4.45 25.37
N GLU A 171 -8.51 -3.43 26.19
CA GLU A 171 -9.60 -2.92 27.02
C GLU A 171 -10.46 -1.89 26.32
N GLN A 172 -10.08 -1.50 25.10
CA GLN A 172 -10.67 -0.33 24.47
C GLN A 172 -11.95 -0.73 23.79
N PRO A 173 -12.96 0.17 23.70
CA PRO A 173 -14.20 -0.26 23.05
C PRO A 173 -14.09 -0.57 21.54
N TYR A 174 -13.04 -0.12 20.86
CA TYR A 174 -12.82 -0.32 19.43
C TYR A 174 -11.95 -1.56 19.11
N TYR A 175 -11.58 -2.34 20.11
CA TYR A 175 -10.71 -3.48 19.95
C TYR A 175 -11.15 -4.45 18.82
N LEU A 176 -12.34 -4.98 18.96
CA LEU A 176 -12.88 -5.90 18.02
C LEU A 176 -13.03 -5.24 16.63
N ASN A 177 -13.47 -4.01 16.61
CA ASN A 177 -13.55 -3.28 15.32
C ASN A 177 -12.21 -3.27 14.57
N LEU A 178 -11.11 -3.00 15.31
CA LEU A 178 -9.78 -2.98 14.73
C LEU A 178 -9.34 -4.37 14.29
N ILE A 179 -9.54 -5.38 15.13
CA ILE A 179 -9.16 -6.73 14.70
C ILE A 179 -9.82 -7.05 13.33
N GLU A 180 -11.12 -6.84 13.23
CA GLU A 180 -11.89 -7.11 12.03
C GLU A 180 -11.45 -6.31 10.82
N LEU A 181 -11.06 -5.07 11.07
CA LEU A 181 -10.50 -4.22 10.04
C LEU A 181 -9.18 -4.70 9.46
N PHE A 182 -8.26 -5.08 10.33
CA PHE A 182 -7.00 -5.63 9.88
C PHE A 182 -7.19 -6.96 9.14
N LEU A 183 -7.97 -7.88 9.73
CA LEU A 183 -8.35 -9.12 9.08
C LEU A 183 -9.04 -8.87 7.75
N GLN A 184 -9.99 -8.00 7.71
CA GLN A 184 -10.62 -7.69 6.43
C GLN A 184 -9.63 -7.10 5.39
N SER A 185 -8.71 -6.24 5.85
CA SER A 185 -7.71 -5.67 4.97
C SER A 185 -6.77 -6.71 4.39
N SER A 186 -6.38 -7.71 5.17
CA SER A 186 -5.61 -8.82 4.66
C SER A 186 -6.34 -9.58 3.57
N TYR A 187 -7.59 -9.90 3.81
CA TYR A 187 -8.36 -10.68 2.88
C TYR A 187 -8.52 -9.94 1.55
N GLN A 188 -8.89 -8.66 1.58
CA GLN A 188 -9.05 -7.85 0.38
C GLN A 188 -7.77 -7.79 -0.38
N THR A 189 -6.65 -7.67 0.34
CA THR A 189 -5.38 -7.57 -0.33
C THR A 189 -4.99 -8.91 -1.00
N GLU A 190 -5.19 -9.99 -0.26
CA GLU A 190 -4.91 -11.31 -0.78
C GLU A 190 -5.75 -11.66 -1.99
N ILE A 191 -7.03 -11.31 -1.93
CA ILE A 191 -7.93 -11.45 -3.09
C ILE A 191 -7.43 -10.67 -4.30
N GLY A 192 -6.99 -9.46 -4.06
CA GLY A 192 -6.43 -8.65 -5.10
C GLY A 192 -5.18 -9.22 -5.65
N GLN A 193 -4.36 -9.77 -4.78
CA GLN A 193 -3.17 -10.42 -5.23
C GLN A 193 -3.48 -11.61 -6.16
N THR A 194 -4.49 -12.40 -5.80
CA THR A 194 -4.88 -13.57 -6.61
C THR A 194 -5.26 -13.09 -7.98
N LEU A 195 -6.05 -12.03 -7.98
CA LEU A 195 -6.56 -11.51 -9.24
C LEU A 195 -5.37 -11.01 -10.11
N ASP A 196 -4.39 -10.40 -9.47
CA ASP A 196 -3.21 -9.93 -10.16
C ASP A 196 -2.46 -11.08 -10.77
N LEU A 197 -2.21 -12.09 -9.95
CA LEU A 197 -1.52 -13.31 -10.37
C LEU A 197 -2.23 -14.05 -11.49
N LEU A 198 -3.55 -14.18 -11.44
CA LEU A 198 -4.30 -14.75 -12.57
C LEU A 198 -4.24 -13.88 -13.85
N THR A 199 -4.01 -12.57 -13.68
CA THR A 199 -4.24 -11.63 -14.79
C THR A 199 -2.97 -11.51 -15.60
N ALA A 200 -1.87 -11.42 -14.90
CA ALA A 200 -0.59 -11.16 -15.51
C ALA A 200 0.41 -12.18 -15.06
N PRO A 201 0.17 -13.48 -15.36
CA PRO A 201 1.23 -14.43 -14.95
C PRO A 201 2.56 -14.09 -15.65
N GLN A 202 3.60 -13.76 -14.89
CA GLN A 202 4.96 -13.64 -15.46
C GLN A 202 5.21 -14.94 -16.24
N GLY A 203 5.32 -14.82 -17.57
CA GLY A 203 5.54 -15.99 -18.48
C GLY A 203 4.45 -16.28 -19.50
N ASN A 204 3.39 -15.48 -19.46
CA ASN A 204 2.23 -15.67 -20.30
C ASN A 204 1.72 -14.30 -20.77
N VAL A 205 2.12 -13.96 -22.00
CA VAL A 205 1.62 -12.77 -22.69
C VAL A 205 0.18 -13.04 -23.12
N ASP A 206 -0.75 -12.46 -22.38
CA ASP A 206 -2.16 -12.48 -22.79
C ASP A 206 -2.82 -11.13 -22.45
N LEU A 207 -3.04 -10.36 -23.49
CA LEU A 207 -3.46 -8.99 -23.37
C LEU A 207 -4.97 -8.91 -23.27
N VAL A 208 -5.64 -10.00 -23.63
CA VAL A 208 -7.09 -10.09 -23.54
C VAL A 208 -7.53 -10.02 -22.08
N ARG A 209 -6.62 -10.34 -21.17
CA ARG A 209 -6.92 -10.21 -19.75
C ARG A 209 -6.86 -8.77 -19.22
N PHE A 210 -6.16 -7.88 -19.95
CA PHE A 210 -5.86 -6.52 -19.45
C PHE A 210 -6.96 -5.52 -19.78
N THR A 211 -8.04 -5.55 -19.02
CA THR A 211 -9.14 -4.69 -19.31
C THR A 211 -9.28 -3.67 -18.22
N GLU A 212 -9.93 -2.58 -18.59
CA GLU A 212 -10.12 -1.50 -17.64
C GLU A 212 -10.76 -2.01 -16.35
N LYS A 213 -11.81 -2.82 -16.46
CA LYS A 213 -12.55 -3.32 -15.29
C LYS A 213 -11.63 -4.16 -14.40
N ARG A 214 -10.86 -5.05 -15.02
CA ARG A 214 -9.90 -5.88 -14.31
C ARG A 214 -8.83 -5.06 -13.66
N TYR A 215 -8.30 -4.07 -14.39
CA TYR A 215 -7.27 -3.20 -13.80
C TYR A 215 -7.77 -2.50 -12.54
N LYS A 216 -8.96 -1.91 -12.64
CA LYS A 216 -9.56 -1.19 -11.51
C LYS A 216 -9.81 -2.08 -10.33
N SER A 217 -10.28 -3.25 -10.63
CA SER A 217 -10.54 -4.22 -9.63
C SER A 217 -9.26 -4.66 -8.90
N ILE A 218 -8.18 -4.88 -9.62
CA ILE A 218 -6.95 -5.27 -8.98
C ILE A 218 -6.48 -4.16 -8.06
N VAL A 219 -6.57 -2.92 -8.53
CA VAL A 219 -6.05 -1.82 -7.75
C VAL A 219 -6.82 -1.69 -6.42
N LYS A 220 -8.12 -1.74 -6.51
CA LYS A 220 -9.01 -1.57 -5.38
C LYS A 220 -8.77 -2.61 -4.29
N TYR A 221 -8.68 -3.87 -4.69
CA TYR A 221 -8.52 -4.90 -3.68
C TYR A 221 -7.06 -5.01 -3.20
N LYS A 222 -6.11 -4.99 -4.14
CA LYS A 222 -4.73 -5.21 -3.81
C LYS A 222 -4.03 -4.08 -3.08
N THR A 223 -4.35 -2.82 -3.41
CA THR A 223 -3.61 -1.72 -2.78
C THR A 223 -4.46 -0.68 -2.14
N ALA A 224 -5.60 -0.38 -2.70
CA ALA A 224 -6.31 0.80 -2.17
C ALA A 224 -6.93 0.59 -0.80
N PHE A 225 -7.44 -0.59 -0.54
CA PHE A 225 -8.12 -0.79 0.69
C PHE A 225 -7.09 -0.64 1.81
N TYR A 226 -5.96 -1.36 1.79
CA TYR A 226 -5.03 -1.28 2.90
C TYR A 226 -4.29 0.02 2.96
N SER A 227 -4.10 0.67 1.81
CA SER A 227 -3.22 1.83 1.72
C SER A 227 -3.97 3.08 2.13
N PHE A 228 -5.21 3.16 1.71
CA PHE A 228 -5.98 4.37 1.91
C PHE A 228 -7.17 4.21 2.84
N TYR A 229 -7.93 3.16 2.70
CA TYR A 229 -9.06 3.02 3.61
C TYR A 229 -8.61 2.65 5.03
N LEU A 230 -7.83 1.60 5.12
CA LEU A 230 -7.42 1.06 6.38
C LEU A 230 -6.92 2.11 7.40
N PRO A 231 -5.97 2.99 7.05
CA PRO A 231 -5.40 3.83 8.10
C PRO A 231 -6.32 4.88 8.66
N ILE A 232 -7.15 5.45 7.78
CA ILE A 232 -8.17 6.37 8.16
C ILE A 232 -9.24 5.66 8.95
N ALA A 233 -9.62 4.46 8.56
CA ALA A 233 -10.73 3.77 9.22
C ALA A 233 -10.31 3.36 10.60
N ALA A 234 -9.02 3.03 10.74
CA ALA A 234 -8.50 2.67 12.05
C ALA A 234 -8.59 3.89 12.96
N ALA A 235 -8.19 5.07 12.45
CA ALA A 235 -8.25 6.31 13.22
C ALA A 235 -9.69 6.62 13.64
N MET A 236 -10.61 6.41 12.71
CA MET A 236 -11.98 6.58 12.97
C MET A 236 -12.45 5.74 14.14
N TYR A 237 -12.12 4.45 14.15
CA TYR A 237 -12.66 3.61 15.22
C TYR A 237 -12.04 3.99 16.54
N MET A 238 -10.79 4.41 16.50
CA MET A 238 -10.12 4.80 17.75
C MET A 238 -10.75 6.06 18.32
N ALA A 239 -11.27 6.87 17.41
CA ALA A 239 -11.96 8.10 17.77
C ALA A 239 -13.41 7.84 18.18
N GLY A 240 -13.85 6.59 18.19
CA GLY A 240 -15.24 6.29 18.49
C GLY A 240 -16.19 6.39 17.30
N ILE A 241 -15.68 6.69 16.10
CA ILE A 241 -16.55 6.85 14.92
C ILE A 241 -16.68 5.49 14.27
N ASP A 242 -17.75 4.79 14.59
CA ASP A 242 -17.89 3.43 14.16
C ASP A 242 -19.10 3.15 13.28
N GLY A 243 -19.85 4.17 12.89
CA GLY A 243 -21.08 3.95 12.14
C GLY A 243 -20.75 3.39 10.78
N GLU A 244 -21.60 2.50 10.28
CA GLU A 244 -21.33 1.88 8.97
C GLU A 244 -21.35 2.89 7.83
N LYS A 245 -22.29 3.82 7.84
CA LYS A 245 -22.45 4.82 6.76
C LYS A 245 -21.26 5.79 6.73
N GLU A 246 -20.81 6.22 7.89
CA GLU A 246 -19.63 7.04 7.93
C GLU A 246 -18.44 6.29 7.29
N HIS A 247 -18.25 5.03 7.65
CA HIS A 247 -17.18 4.29 7.04
C HIS A 247 -17.39 4.12 5.58
N ALA A 248 -18.62 3.87 5.15
CA ALA A 248 -18.88 3.66 3.72
C ALA A 248 -18.55 4.94 2.94
N ASN A 249 -18.83 6.08 3.57
CA ASN A 249 -18.56 7.43 3.02
C ASN A 249 -17.09 7.72 2.94
N ALA A 250 -16.35 7.46 4.00
CA ALA A 250 -14.91 7.62 3.93
C ALA A 250 -14.30 6.65 2.86
N LYS A 251 -14.77 5.41 2.82
CA LYS A 251 -14.30 4.42 1.84
C LYS A 251 -14.45 4.88 0.38
N LYS A 252 -15.60 5.44 0.06
CA LYS A 252 -15.84 5.86 -1.29
C LYS A 252 -14.80 6.94 -1.73
N ILE A 253 -14.45 7.85 -0.82
CA ILE A 253 -13.45 8.85 -1.15
C ILE A 253 -12.09 8.17 -1.24
N LEU A 254 -11.77 7.37 -0.25
CA LEU A 254 -10.42 6.86 -0.11
C LEU A 254 -10.02 5.78 -1.21
N LEU A 255 -10.95 4.92 -1.60
CA LEU A 255 -10.72 4.02 -2.74
C LEU A 255 -10.50 4.79 -4.04
N GLU A 256 -11.20 5.90 -4.24
CA GLU A 256 -10.89 6.71 -5.41
C GLU A 256 -9.48 7.27 -5.39
N MET A 257 -9.07 7.73 -4.22
CA MET A 257 -7.69 8.21 -4.07
C MET A 257 -6.68 7.10 -4.33
N GLY A 258 -6.97 5.92 -3.83
CA GLY A 258 -6.08 4.75 -4.06
C GLY A 258 -5.99 4.41 -5.53
N GLU A 259 -7.11 4.50 -6.24
CA GLU A 259 -7.11 4.31 -7.66
C GLU A 259 -6.20 5.28 -8.37
N PHE A 260 -6.39 6.56 -8.11
CA PHE A 260 -5.51 7.58 -8.70
C PHE A 260 -4.03 7.33 -8.31
N PHE A 261 -3.81 7.02 -7.06
CA PHE A 261 -2.45 6.86 -6.60
C PHE A 261 -1.73 5.76 -7.40
N GLN A 262 -2.43 4.68 -7.67
CA GLN A 262 -1.79 3.63 -8.41
C GLN A 262 -1.63 3.95 -9.90
N ILE A 263 -2.59 4.68 -10.46
CA ILE A 263 -2.49 5.05 -11.86
C ILE A 263 -1.32 5.99 -12.04
N GLN A 264 -1.14 6.93 -11.12
CA GLN A 264 0.05 7.78 -11.12
C GLN A 264 1.35 6.95 -10.95
N ASP A 265 1.36 5.96 -10.07
CA ASP A 265 2.55 5.05 -10.00
C ASP A 265 2.88 4.37 -11.35
N ASP A 266 1.87 3.86 -12.04
CA ASP A 266 2.07 3.23 -13.36
C ASP A 266 2.61 4.25 -14.37
N TYR A 267 2.03 5.45 -14.40
CA TYR A 267 2.58 6.51 -15.25
C TYR A 267 4.04 6.82 -14.92
N LEU A 268 4.36 7.07 -13.65
CA LEU A 268 5.72 7.47 -13.30
C LEU A 268 6.71 6.37 -13.55
N ASP A 269 6.28 5.13 -13.40
CA ASP A 269 7.12 3.97 -13.65
C ASP A 269 7.83 4.09 -15.01
N LEU A 270 7.12 4.52 -16.04
CA LEU A 270 7.70 4.69 -17.37
C LEU A 270 8.17 6.11 -17.67
N PHE A 271 7.35 7.11 -17.35
CA PHE A 271 7.63 8.50 -17.72
C PHE A 271 8.14 9.36 -16.59
N GLY A 272 8.21 8.80 -15.40
CA GLY A 272 8.73 9.54 -14.29
C GLY A 272 10.12 9.93 -14.65
N ASP A 273 10.50 11.15 -14.35
CA ASP A 273 11.89 11.51 -14.49
C ASP A 273 12.58 10.65 -13.44
N PRO A 274 13.47 9.75 -13.87
CA PRO A 274 13.93 8.73 -12.91
C PRO A 274 14.76 9.24 -11.70
N SER A 275 15.36 10.43 -11.81
CA SER A 275 16.01 11.08 -10.66
C SER A 275 14.96 11.56 -9.65
N VAL A 276 14.14 12.53 -10.04
CA VAL A 276 13.04 13.03 -9.18
C VAL A 276 12.27 11.86 -8.54
N THR A 277 12.13 10.74 -9.25
CA THR A 277 11.24 9.62 -8.86
C THR A 277 11.83 8.57 -7.91
N GLY A 278 12.89 7.89 -8.37
CA GLY A 278 13.44 6.72 -7.69
C GLY A 278 14.20 5.84 -8.68
N LYS A 279 13.80 4.57 -8.80
CA LYS A 279 14.48 3.61 -9.68
C LYS A 279 13.73 3.44 -11.01
N ILE A 280 14.44 3.39 -12.14
CA ILE A 280 13.82 3.11 -13.46
C ILE A 280 12.80 1.97 -13.38
N GLY A 281 11.80 2.05 -14.26
CA GLY A 281 10.63 1.17 -14.19
C GLY A 281 10.69 -0.05 -15.08
N THR A 282 10.23 -1.18 -14.54
CA THR A 282 10.27 -2.43 -15.25
C THR A 282 8.89 -2.99 -15.59
N ASP A 283 7.83 -2.17 -15.45
CA ASP A 283 6.47 -2.66 -15.70
C ASP A 283 6.25 -3.38 -17.07
N ILE A 284 6.69 -2.79 -18.15
CA ILE A 284 6.48 -3.41 -19.44
C ILE A 284 7.22 -4.75 -19.51
N GLN A 285 8.49 -4.76 -19.09
CA GLN A 285 9.27 -6.02 -19.05
C GLN A 285 8.55 -7.15 -18.31
N ASP A 286 7.82 -6.80 -17.24
CA ASP A 286 7.24 -7.81 -16.37
C ASP A 286 5.82 -8.26 -16.74
N ASN A 287 5.31 -7.85 -17.91
CA ASN A 287 3.93 -8.16 -18.31
C ASN A 287 2.90 -7.63 -17.29
N LYS A 288 3.16 -6.47 -16.62
CA LYS A 288 2.21 -5.97 -15.62
C LYS A 288 0.93 -5.42 -16.28
N CYS A 289 -0.17 -5.56 -15.54
CA CYS A 289 -1.41 -4.93 -15.89
C CYS A 289 -1.29 -3.49 -15.39
N SER A 290 -0.60 -2.69 -16.18
CA SER A 290 -0.39 -1.27 -15.94
C SER A 290 -1.54 -0.50 -16.53
N TRP A 291 -1.79 0.66 -15.95
CA TRP A 291 -2.77 1.53 -16.49
C TRP A 291 -2.39 1.88 -17.91
N LEU A 292 -1.10 2.02 -18.17
CA LEU A 292 -0.64 2.39 -19.51
C LEU A 292 -1.01 1.38 -20.64
N VAL A 293 -0.63 0.11 -20.47
CA VAL A 293 -1.02 -0.92 -21.42
C VAL A 293 -2.55 -1.01 -21.54
N VAL A 294 -3.29 -0.75 -20.46
CA VAL A 294 -4.76 -0.82 -20.52
C VAL A 294 -5.31 0.24 -21.51
N GLN A 295 -4.75 1.44 -21.41
CA GLN A 295 -5.18 2.58 -22.24
C GLN A 295 -4.70 2.37 -23.66
N CYS A 296 -3.41 2.09 -23.81
CA CYS A 296 -2.86 1.67 -25.09
C CYS A 296 -3.81 0.72 -25.83
N LEU A 297 -4.27 -0.35 -25.18
CA LEU A 297 -5.14 -1.37 -25.85
C LEU A 297 -6.49 -0.83 -26.31
N GLN A 298 -7.13 -0.03 -25.44
CA GLN A 298 -8.35 0.70 -25.81
C GLN A 298 -8.10 1.62 -27.00
N ARG A 299 -6.93 2.23 -27.07
CA ARG A 299 -6.59 3.19 -28.11
C ARG A 299 -5.58 2.54 -29.08
N ALA A 300 -6.05 1.79 -30.07
CA ALA A 300 -5.13 1.02 -30.91
C ALA A 300 -5.71 0.45 -32.20
N THR A 301 -5.15 0.89 -33.30
CA THR A 301 -5.39 0.25 -34.62
C THR A 301 -5.04 -1.23 -34.44
N PRO A 302 -5.59 -2.10 -35.30
CA PRO A 302 -5.29 -3.53 -35.15
C PRO A 302 -3.83 -3.88 -35.49
N GLU A 303 -3.17 -2.95 -36.21
CA GLU A 303 -1.74 -3.03 -36.45
C GLU A 303 -0.97 -2.80 -35.14
N GLN A 304 -1.42 -1.80 -34.37
CA GLN A 304 -0.81 -1.43 -33.08
C GLN A 304 -0.81 -2.62 -32.10
N TYR A 305 -1.95 -3.31 -32.03
CA TYR A 305 -2.16 -4.42 -31.06
C TYR A 305 -1.10 -5.50 -31.29
N GLN A 306 -0.84 -5.82 -32.56
CA GLN A 306 0.21 -6.75 -32.95
C GLN A 306 1.60 -6.30 -32.49
N ILE A 307 1.95 -5.05 -32.78
CA ILE A 307 3.23 -4.46 -32.34
C ILE A 307 3.39 -4.54 -30.81
N LEU A 308 2.27 -4.50 -30.10
CA LEU A 308 2.31 -4.64 -28.66
C LEU A 308 2.38 -6.11 -28.23
N LYS A 309 1.57 -6.95 -28.88
CA LYS A 309 1.60 -8.39 -28.62
C LYS A 309 3.05 -8.91 -28.74
N GLU A 310 3.80 -8.36 -29.69
CA GLU A 310 5.15 -8.81 -29.99
C GLU A 310 6.18 -8.33 -28.96
N ASN A 311 6.07 -7.07 -28.57
CA ASN A 311 7.13 -6.40 -27.79
C ASN A 311 6.91 -6.35 -26.29
N TYR A 312 5.71 -6.71 -25.83
CA TYR A 312 5.37 -6.56 -24.42
C TYR A 312 5.74 -7.78 -23.62
N GLY A 313 6.47 -7.53 -22.54
CA GLY A 313 6.89 -8.57 -21.61
C GLY A 313 8.29 -9.07 -21.89
N GLN A 314 9.07 -8.33 -22.70
CA GLN A 314 10.40 -8.80 -23.10
C GLN A 314 11.50 -8.14 -22.27
N LYS A 315 12.63 -8.85 -22.14
CA LYS A 315 13.82 -8.33 -21.47
C LYS A 315 14.47 -7.20 -22.28
N GLU A 316 14.53 -7.37 -23.60
CA GLU A 316 15.38 -6.53 -24.47
C GLU A 316 15.08 -5.03 -24.32
N ALA A 317 16.10 -4.26 -23.96
CA ALA A 317 16.02 -2.80 -23.78
C ALA A 317 15.38 -2.08 -24.96
N GLU A 318 15.89 -2.37 -26.17
CA GLU A 318 15.39 -1.78 -27.43
C GLU A 318 13.98 -2.26 -27.80
N LYS A 319 13.53 -3.37 -27.23
CA LYS A 319 12.14 -3.82 -27.38
C LYS A 319 11.20 -3.20 -26.29
N VAL A 320 11.76 -2.72 -25.18
CA VAL A 320 11.03 -1.90 -24.19
C VAL A 320 11.05 -0.40 -24.59
N ALA A 321 12.13 0.03 -25.23
CA ALA A 321 12.21 1.38 -25.85
C ALA A 321 11.19 1.59 -27.00
N ARG A 322 10.82 0.43 -27.59
CA ARG A 322 9.86 0.41 -28.68
C ARG A 322 8.43 0.51 -28.17
N VAL A 323 8.14 -0.04 -27.00
CA VAL A 323 6.79 0.09 -26.41
C VAL A 323 6.59 1.51 -25.86
N LYS A 324 7.61 2.02 -25.16
CA LYS A 324 7.65 3.42 -24.74
C LYS A 324 7.33 4.40 -25.88
N ALA A 325 7.84 4.11 -27.07
CA ALA A 325 7.58 4.95 -28.22
C ALA A 325 6.15 4.77 -28.76
N LEU A 326 5.57 3.59 -28.60
CA LEU A 326 4.19 3.36 -29.05
C LEU A 326 3.21 4.05 -28.11
N TYR A 327 3.60 4.17 -26.86
CA TYR A 327 2.80 4.90 -25.88
C TYR A 327 2.90 6.40 -26.16
N GLU A 328 4.14 6.86 -26.32
CA GLU A 328 4.39 8.27 -26.63
C GLU A 328 3.63 8.63 -27.88
N GLU A 329 3.65 7.74 -28.87
CA GLU A 329 3.01 8.01 -30.16
C GLU A 329 1.49 8.11 -30.01
N LEU A 330 0.93 7.31 -29.11
CA LEU A 330 -0.50 7.41 -28.74
C LEU A 330 -0.85 8.58 -27.76
N ASP A 331 0.13 9.42 -27.40
CA ASP A 331 -0.12 10.58 -26.52
C ASP A 331 -0.80 10.15 -25.24
N LEU A 332 -0.28 9.11 -24.62
CA LEU A 332 -0.80 8.68 -23.34
C LEU A 332 -0.32 9.58 -22.18
N PRO A 333 0.84 10.24 -22.33
CA PRO A 333 1.19 11.26 -21.31
C PRO A 333 0.18 12.42 -21.22
N ALA A 334 -0.35 12.82 -22.36
CA ALA A 334 -1.43 13.80 -22.42
C ALA A 334 -2.72 13.18 -21.83
N VAL A 335 -3.02 11.95 -22.18
CA VAL A 335 -4.17 11.26 -21.60
C VAL A 335 -4.02 11.16 -20.07
N PHE A 336 -2.79 11.00 -19.60
CA PHE A 336 -2.56 10.93 -18.18
C PHE A 336 -2.83 12.28 -17.56
N LEU A 337 -2.19 13.33 -18.08
CA LEU A 337 -2.38 14.69 -17.58
C LEU A 337 -3.86 15.05 -17.57
N GLN A 338 -4.59 14.65 -18.62
CA GLN A 338 -6.03 14.86 -18.70
C GLN A 338 -6.75 14.08 -17.62
N TYR A 339 -6.29 12.85 -17.38
CA TYR A 339 -6.87 12.02 -16.34
C TYR A 339 -6.55 12.62 -14.96
N GLU A 340 -5.34 13.14 -14.74
CA GLU A 340 -4.95 13.63 -13.40
C GLU A 340 -5.82 14.83 -12.97
N GLU A 341 -6.07 15.74 -13.92
CA GLU A 341 -6.98 16.89 -13.69
C GLU A 341 -8.42 16.42 -13.41
N ASP A 342 -8.94 15.49 -14.21
CA ASP A 342 -10.33 15.08 -14.05
C ASP A 342 -10.53 14.46 -12.70
N SER A 343 -9.54 13.65 -12.33
CA SER A 343 -9.54 12.89 -11.09
C SER A 343 -9.41 13.82 -9.89
N TYR A 344 -8.60 14.87 -10.04
CA TYR A 344 -8.49 15.89 -8.99
C TYR A 344 -9.84 16.58 -8.71
N SER A 345 -10.54 17.06 -9.74
CA SER A 345 -11.89 17.61 -9.55
C SER A 345 -12.80 16.58 -8.90
N HIS A 346 -12.76 15.33 -9.38
CA HIS A 346 -13.66 14.29 -8.85
C HIS A 346 -13.44 14.03 -7.38
N ILE A 347 -12.18 13.96 -6.98
CA ILE A 347 -11.85 13.75 -5.58
C ILE A 347 -12.33 14.93 -4.73
N MET A 348 -12.24 16.14 -5.24
CA MET A 348 -12.71 17.28 -4.47
C MET A 348 -14.25 17.25 -4.35
N ALA A 349 -14.96 16.95 -5.45
CA ALA A 349 -16.42 16.77 -5.42
C ALA A 349 -16.78 15.70 -4.40
N LEU A 350 -16.05 14.60 -4.39
CA LEU A 350 -16.29 13.58 -3.37
C LEU A 350 -16.01 14.04 -1.94
N ILE A 351 -14.97 14.85 -1.73
CA ILE A 351 -14.68 15.31 -0.37
C ILE A 351 -15.86 16.20 0.12
N GLU A 352 -16.25 17.13 -0.75
CA GLU A 352 -17.40 18.01 -0.55
C GLU A 352 -18.60 17.20 -0.15
N GLN A 353 -18.92 16.16 -0.92
CA GLN A 353 -20.14 15.38 -0.71
C GLN A 353 -20.12 14.35 0.42
N TYR A 354 -18.99 13.74 0.73
CA TYR A 354 -18.95 12.59 1.61
C TYR A 354 -18.11 12.73 2.90
N ALA A 355 -17.37 13.82 3.05
CA ALA A 355 -16.50 13.97 4.19
C ALA A 355 -17.28 14.21 5.48
N ALA A 356 -18.23 15.13 5.45
CA ALA A 356 -19.09 15.43 6.61
C ALA A 356 -19.60 14.14 7.26
N PRO A 357 -19.51 14.06 8.60
CA PRO A 357 -19.11 15.09 9.52
C PRO A 357 -17.63 14.93 9.95
N LEU A 358 -16.79 14.22 9.19
CA LEU A 358 -15.37 14.28 9.49
C LEU A 358 -14.81 15.61 8.94
N PRO A 359 -13.72 16.14 9.55
CA PRO A 359 -13.19 17.43 9.09
C PRO A 359 -12.59 17.22 7.71
N PRO A 360 -12.98 18.06 6.77
CA PRO A 360 -12.49 17.79 5.42
C PRO A 360 -10.96 17.67 5.33
N ALA A 361 -10.23 18.27 6.24
CA ALA A 361 -8.78 18.21 6.22
C ALA A 361 -8.14 16.80 6.33
N VAL A 362 -8.92 15.83 6.79
CA VAL A 362 -8.49 14.45 6.91
C VAL A 362 -8.20 13.88 5.52
N PHE A 363 -9.11 14.20 4.61
CA PHE A 363 -8.99 13.78 3.26
C PHE A 363 -8.09 14.70 2.44
N LEU A 364 -8.04 15.95 2.82
CA LEU A 364 -7.33 16.93 2.05
C LEU A 364 -5.81 16.83 2.21
N GLY A 365 -5.36 16.51 3.41
CA GLY A 365 -3.95 16.22 3.65
C GLY A 365 -3.53 15.07 2.73
N LEU A 366 -4.32 14.01 2.66
CA LEU A 366 -3.99 12.91 1.78
C LEU A 366 -3.95 13.34 0.32
N ALA A 367 -4.98 14.08 -0.10
CA ALA A 367 -5.04 14.53 -1.48
C ALA A 367 -3.78 15.36 -1.83
N ARG A 368 -3.32 16.15 -0.89
CA ARG A 368 -2.20 17.01 -1.11
C ARG A 368 -0.92 16.21 -1.25
N LYS A 369 -0.80 15.14 -0.51
CA LYS A 369 0.37 14.31 -0.59
C LYS A 369 0.42 13.52 -1.93
N ILE A 370 -0.73 13.10 -2.42
CA ILE A 370 -0.70 12.32 -3.64
C ILE A 370 -0.79 13.09 -4.97
N TYR A 371 -1.23 14.36 -4.98
CA TYR A 371 -1.35 15.12 -6.24
C TYR A 371 -0.21 16.15 -6.48
P PO4 B . 5.83 4.52 1.81
O1 PO4 B . 6.57 3.22 2.19
O2 PO4 B . 5.00 4.92 3.00
O3 PO4 B . 6.90 5.57 1.56
O4 PO4 B . 5.05 4.35 0.50
OAU 1MV C . 7.95 4.03 -2.58
PAS 1MV C . 6.74 4.60 -3.27
OAV 1MV C . 6.66 4.39 -4.94
OAW 1MV C . 5.38 4.31 -2.69
CAR 1MV C . 6.99 6.37 -2.90
PAT 1MV C . 8.40 6.46 -1.61
OAX 1MV C . 7.97 5.22 -0.83
OAZ 1MV C . 8.39 7.85 -0.78
OAY 1MV C . 9.74 6.48 -2.31
NAJ 1MV C . 5.72 6.83 -2.30
C4 1MV C . 5.38 8.10 -2.39
N3 1MV C . 6.16 8.91 -3.14
C2 1MV C . 5.84 10.25 -3.25
N1 1MV C . 4.70 10.68 -2.59
C6 1MV C . 3.94 9.81 -1.88
SAE 1MV C . 2.60 10.08 -1.04
C5 1MV C . 4.26 8.50 -1.75
CAC 1MV C . 3.36 7.78 -0.97
CAD 1MV C . 2.33 8.49 -0.47
CAK 1MV C . 1.30 8.05 0.34
CAL 1MV C . 0.82 6.72 0.33
CAM 1MV C . -0.20 6.27 1.16
CAN 1MV C . -0.81 7.14 2.05
CAQ 1MV C . -1.85 6.70 2.88
CAO 1MV C . -0.35 8.46 2.09
CAP 1MV C . 0.68 8.90 1.25
#